data_7OYQ
#
_entry.id   7OYQ
#
_cell.length_a   42.233
_cell.length_b   41.269
_cell.length_c   72.518
_cell.angle_alpha   90.000
_cell.angle_beta   104.450
_cell.angle_gamma   90.000
#
_symmetry.space_group_name_H-M   'P 1 21 1'
#
loop_
_entity.id
_entity.type
_entity.pdbx_description
1 polymer 'Carbonic anhydrase 2'
2 polymer 'Hit3-t2 (MH174)'
3 non-polymer 'ZINC ION'
4 water water
#
loop_
_entity_poly.entity_id
_entity_poly.type
_entity_poly.pdbx_seq_one_letter_code
_entity_poly.pdbx_strand_id
1 'polypeptide(L)'
;MSHHWGYGKHNGPEHWHKDFPIAKGERQSPVDIDTHTAKYDPSLKPLSVSYDQATSLRILNNGHAFNVEFDDSQDKAVLK
GGPLDGTYRLIQFHFHWGSLDGQGSEHTVDKKKYAAELHLVHWNTKYGDFGKAVQQPDGLAVLGIFLKVGSAKPGLQKVV
DVLDSIKTKGKSADFTNFDPRGLLPESLDYWTYPGSLTTPPLLECVTWIVLKEPISVSSEQVLKFRKLNFNGEGEPEELM
VDNWRPAQPLKNRQIKASFK
;
A
2 'polypeptide(L)' (65T)SL C,B
#
loop_
_chem_comp.id
_chem_comp.type
_chem_comp.name
_chem_comp.formula
ZN non-polymer 'ZINC ION' 'Zn 2'
#
# COMPACT_ATOMS: atom_id res chain seq x y z
N HIS A 4 -15.32 15.76 4.96
CA HIS A 4 -14.98 14.42 4.36
C HIS A 4 -13.96 13.64 5.22
N TRP A 5 -13.75 12.41 4.83
CA TRP A 5 -12.97 11.47 5.65
C TRP A 5 -11.50 11.85 5.70
N GLY A 6 -10.86 11.42 6.77
CA GLY A 6 -9.41 11.60 6.89
C GLY A 6 -8.85 10.73 8.00
N TYR A 7 -7.89 11.25 8.75
CA TYR A 7 -7.22 10.46 9.83
C TYR A 7 -7.26 11.20 11.17
N GLY A 8 -7.99 12.29 11.24
CA GLY A 8 -8.17 13.10 12.47
C GLY A 8 -9.07 12.46 13.54
N LYS A 9 -9.18 13.12 14.70
CA LYS A 9 -10.08 12.72 15.83
C LYS A 9 -11.52 12.76 15.33
N HIS A 10 -11.82 13.68 14.42
CA HIS A 10 -13.23 13.94 14.05
C HIS A 10 -13.60 13.25 12.75
N ASN A 11 -12.63 12.74 11.98
CA ASN A 11 -12.97 12.19 10.64
C ASN A 11 -12.17 10.93 10.34
N GLY A 12 -11.54 10.34 11.36
CA GLY A 12 -10.62 9.22 11.16
C GLY A 12 -11.35 7.89 11.07
N PRO A 13 -10.57 6.80 11.04
CA PRO A 13 -11.08 5.45 10.81
C PRO A 13 -12.34 5.06 11.59
N GLU A 14 -12.51 5.47 12.85
CA GLU A 14 -13.70 5.03 13.62
C GLU A 14 -14.96 5.78 13.16
N HIS A 15 -14.83 6.80 12.31
CA HIS A 15 -15.97 7.54 11.73
C HIS A 15 -16.38 7.04 10.33
N TRP A 16 -15.50 6.31 9.65
CA TRP A 16 -15.69 6.01 8.23
C TRP A 16 -16.98 5.25 7.96
N HIS A 17 -17.39 4.38 8.88
CA HIS A 17 -18.60 3.54 8.70
C HIS A 17 -19.84 4.38 8.41
N LYS A 18 -19.88 5.62 8.89
CA LYS A 18 -21.11 6.43 8.73
C LYS A 18 -21.35 6.77 7.26
N ASP A 19 -20.30 7.01 6.49
CA ASP A 19 -20.45 7.26 5.03
C ASP A 19 -20.14 6.02 4.20
N PHE A 20 -19.44 5.04 4.77
CA PHE A 20 -19.00 3.84 4.04
C PHE A 20 -19.32 2.64 4.92
N PRO A 21 -20.59 2.19 4.99
CA PRO A 21 -20.96 1.14 5.95
C PRO A 21 -20.20 -0.18 5.80
N ILE A 22 -19.62 -0.42 4.61
N ILE A 22 -19.62 -0.40 4.61
CA ILE A 22 -18.78 -1.64 4.39
CA ILE A 22 -18.75 -1.56 4.29
C ILE A 22 -17.57 -1.59 5.34
C ILE A 22 -17.52 -1.53 5.22
N ALA A 23 -17.29 -0.43 5.95
CA ALA A 23 -16.20 -0.37 6.96
C ALA A 23 -16.35 -1.50 7.99
N LYS A 24 -17.59 -1.93 8.28
CA LYS A 24 -17.84 -3.00 9.28
C LYS A 24 -18.12 -4.32 8.57
N GLY A 25 -17.56 -4.53 7.37
CA GLY A 25 -17.89 -5.71 6.55
C GLY A 25 -17.07 -6.93 6.94
N GLU A 26 -17.22 -7.96 6.15
CA GLU A 26 -16.68 -9.30 6.47
C GLU A 26 -15.27 -9.48 5.94
N ARG A 27 -14.77 -8.57 5.09
CA ARG A 27 -13.43 -8.80 4.49
C ARG A 27 -12.68 -7.47 4.45
N GLN A 28 -12.58 -6.81 5.61
CA GLN A 28 -11.91 -5.50 5.70
C GLN A 28 -10.41 -5.67 5.98
N SER A 29 -9.67 -4.69 5.51
CA SER A 29 -8.20 -4.61 5.64
C SER A 29 -7.85 -3.29 6.30
N PRO A 30 -6.67 -3.20 6.94
CA PRO A 30 -5.69 -4.29 7.10
C PRO A 30 -6.10 -5.24 8.24
N VAL A 31 -5.25 -6.22 8.51
CA VAL A 31 -5.42 -7.21 9.59
C VAL A 31 -4.06 -7.38 10.25
N ASP A 32 -4.12 -7.90 11.46
CA ASP A 32 -2.94 -8.49 12.12
C ASP A 32 -2.67 -9.85 11.49
N ILE A 33 -1.41 -10.04 11.14
CA ILE A 33 -0.92 -11.35 10.63
C ILE A 33 -0.33 -12.11 11.81
N ASP A 34 -1.06 -13.10 12.27
N ASP A 34 -1.08 -13.08 12.29
CA ASP A 34 -0.59 -13.97 13.36
CA ASP A 34 -0.63 -14.03 13.33
C ASP A 34 0.25 -15.06 12.67
C ASP A 34 0.24 -15.06 12.63
N THR A 35 1.56 -14.98 12.82
CA THR A 35 2.51 -15.80 12.05
C THR A 35 2.40 -17.27 12.40
N HIS A 36 1.91 -17.59 13.61
CA HIS A 36 1.77 -18.98 14.08
C HIS A 36 0.49 -19.59 13.52
N THR A 37 -0.55 -18.79 13.25
CA THR A 37 -1.85 -19.26 12.73
C THR A 37 -1.84 -19.33 11.17
N ALA A 38 -1.03 -18.52 10.51
CA ALA A 38 -0.98 -18.50 9.04
C ALA A 38 -0.54 -19.88 8.58
N LYS A 39 -1.23 -20.43 7.60
CA LYS A 39 -0.87 -21.78 7.14
C LYS A 39 0.04 -21.70 5.91
N TYR A 40 1.13 -22.46 5.94
CA TYR A 40 1.95 -22.68 4.75
C TYR A 40 1.08 -23.42 3.74
N ASP A 41 1.05 -22.89 2.54
CA ASP A 41 0.23 -23.48 1.46
C ASP A 41 1.19 -23.83 0.33
N PRO A 42 1.64 -25.10 0.24
CA PRO A 42 2.61 -25.48 -0.79
C PRO A 42 2.07 -25.33 -2.22
N SER A 43 0.73 -25.18 -2.38
CA SER A 43 0.10 -24.95 -3.71
C SER A 43 0.31 -23.51 -4.19
N LEU A 44 0.71 -22.58 -3.32
CA LEU A 44 0.93 -21.16 -3.72
C LEU A 44 2.19 -21.09 -4.58
N LYS A 45 2.11 -20.31 -5.65
CA LYS A 45 3.21 -20.13 -6.61
C LYS A 45 4.08 -18.96 -6.17
N PRO A 46 5.36 -18.98 -6.61
CA PRO A 46 6.18 -17.80 -6.44
C PRO A 46 5.46 -16.62 -7.11
N LEU A 47 5.64 -15.43 -6.53
CA LEU A 47 5.13 -14.18 -7.11
C LEU A 47 5.94 -13.90 -8.39
N SER A 48 5.28 -13.42 -9.41
CA SER A 48 5.96 -12.89 -10.62
C SER A 48 5.77 -11.38 -10.65
N VAL A 49 6.80 -10.65 -10.35
CA VAL A 49 6.81 -9.16 -10.43
C VAL A 49 7.56 -8.76 -11.70
N SER A 50 6.88 -8.25 -12.70
CA SER A 50 7.48 -7.91 -14.02
C SER A 50 7.38 -6.40 -14.21
N TYR A 51 8.34 -5.66 -13.66
CA TYR A 51 8.37 -4.17 -13.65
C TYR A 51 9.47 -3.62 -14.58
N ASP A 52 10.15 -4.46 -15.38
CA ASP A 52 11.21 -4.00 -16.33
C ASP A 52 10.71 -2.88 -17.25
N GLN A 53 9.47 -2.91 -17.73
CA GLN A 53 8.98 -1.89 -18.69
C GLN A 53 8.08 -0.85 -18.02
N ALA A 54 8.10 -0.76 -16.70
CA ALA A 54 7.27 0.23 -15.98
C ALA A 54 7.50 1.63 -16.52
N THR A 55 6.40 2.38 -16.65
CA THR A 55 6.42 3.79 -17.07
C THR A 55 5.75 4.63 -16.00
N SER A 56 6.53 5.16 -15.09
CA SER A 56 5.97 6.11 -14.11
C SER A 56 5.64 7.42 -14.86
N LEU A 57 4.65 8.17 -14.41
CA LEU A 57 4.29 9.43 -15.08
C LEU A 57 4.35 10.62 -14.14
N ARG A 58 3.85 10.44 -12.93
CA ARG A 58 3.50 11.62 -12.11
C ARG A 58 3.45 11.22 -10.65
N ILE A 59 3.63 12.20 -9.78
CA ILE A 59 3.44 12.03 -8.32
C ILE A 59 2.44 13.09 -7.88
N LEU A 60 1.50 12.69 -7.02
CA LEU A 60 0.37 13.53 -6.61
C LEU A 60 0.22 13.47 -5.09
N ASN A 61 0.05 14.62 -4.46
CA ASN A 61 -0.42 14.72 -3.06
C ASN A 61 -1.94 14.78 -3.12
N ASN A 62 -2.62 13.71 -2.72
CA ASN A 62 -4.10 13.66 -2.82
C ASN A 62 -4.77 14.02 -1.51
N GLY A 63 -4.02 14.56 -0.55
CA GLY A 63 -4.59 15.00 0.73
C GLY A 63 -4.63 13.89 1.78
N HIS A 64 -4.32 12.64 1.42
CA HIS A 64 -4.26 11.51 2.38
C HIS A 64 -2.89 10.83 2.33
N ALA A 65 -2.26 10.79 1.17
CA ALA A 65 -0.93 10.25 0.95
C ALA A 65 -0.38 10.92 -0.32
N PHE A 66 0.71 10.41 -0.84
CA PHE A 66 1.12 10.72 -2.21
C PHE A 66 1.09 9.45 -3.03
N ASN A 67 0.63 9.58 -4.27
CA ASN A 67 0.58 8.46 -5.22
C ASN A 67 1.59 8.68 -6.34
N VAL A 68 2.42 7.68 -6.60
CA VAL A 68 3.24 7.63 -7.83
C VAL A 68 2.42 6.84 -8.86
N GLU A 69 2.07 7.49 -9.97
CA GLU A 69 1.14 6.95 -10.94
C GLU A 69 1.94 6.38 -12.12
N PHE A 70 1.37 5.36 -12.71
CA PHE A 70 2.00 4.64 -13.85
C PHE A 70 1.04 4.63 -15.03
N ASP A 71 1.62 4.52 -16.21
CA ASP A 71 0.87 4.24 -17.43
C ASP A 71 0.36 2.80 -17.34
N ASP A 72 -0.96 2.63 -17.23
CA ASP A 72 -1.54 1.28 -17.14
C ASP A 72 -2.40 1.03 -18.39
N SER A 73 -2.05 1.65 -19.52
CA SER A 73 -2.80 1.52 -20.81
C SER A 73 -2.28 0.32 -21.61
N GLN A 74 -1.25 -0.39 -21.13
CA GLN A 74 -0.71 -1.66 -21.69
C GLN A 74 -0.10 -2.49 -20.56
N ASP A 75 0.24 -3.76 -20.83
CA ASP A 75 0.85 -4.71 -19.85
C ASP A 75 2.37 -4.41 -19.71
N LYS A 76 2.71 -3.29 -19.11
CA LYS A 76 4.11 -2.82 -18.92
C LYS A 76 4.72 -3.17 -17.56
N ALA A 77 3.93 -3.12 -16.53
CA ALA A 77 4.32 -3.38 -15.14
C ALA A 77 3.23 -4.26 -14.57
N VAL A 78 3.47 -5.56 -14.48
CA VAL A 78 2.39 -6.52 -14.10
C VAL A 78 2.84 -7.44 -12.97
N LEU A 79 1.86 -7.83 -12.20
CA LEU A 79 1.98 -8.84 -11.15
C LEU A 79 1.15 -10.04 -11.58
N LYS A 80 1.72 -11.22 -11.46
N LYS A 80 1.77 -11.22 -11.51
CA LYS A 80 0.98 -12.47 -11.71
CA LYS A 80 1.19 -12.52 -11.91
C LYS A 80 1.57 -13.56 -10.83
C LYS A 80 1.59 -13.55 -10.85
N GLY A 81 1.02 -14.75 -10.90
CA GLY A 81 1.49 -15.85 -10.08
C GLY A 81 1.12 -15.60 -8.64
N GLY A 82 1.88 -16.18 -7.74
CA GLY A 82 1.47 -16.17 -6.32
C GLY A 82 0.08 -16.79 -6.18
N PRO A 83 -0.88 -16.12 -5.51
CA PRO A 83 -2.24 -16.63 -5.36
C PRO A 83 -3.16 -16.22 -6.52
N LEU A 84 -2.64 -15.46 -7.48
CA LEU A 84 -3.45 -14.76 -8.50
C LEU A 84 -3.70 -15.64 -9.72
N ASP A 85 -4.87 -15.49 -10.27
CA ASP A 85 -5.26 -16.00 -11.60
C ASP A 85 -5.18 -14.81 -12.56
N GLY A 86 -4.45 -14.97 -13.65
CA GLY A 86 -4.36 -13.92 -14.68
C GLY A 86 -3.39 -12.82 -14.29
N THR A 87 -3.59 -11.66 -14.89
CA THR A 87 -2.58 -10.58 -14.99
C THR A 87 -3.12 -9.30 -14.36
N TYR A 88 -2.32 -8.68 -13.52
CA TYR A 88 -2.73 -7.46 -12.81
C TYR A 88 -1.76 -6.34 -13.15
N ARG A 89 -2.27 -5.21 -13.62
CA ARG A 89 -1.45 -4.08 -14.08
C ARG A 89 -1.23 -3.09 -12.95
N LEU A 90 0.04 -2.67 -12.78
CA LEU A 90 0.36 -1.63 -11.79
C LEU A 90 -0.26 -0.31 -12.23
N ILE A 91 -1.01 0.33 -11.34
CA ILE A 91 -1.62 1.67 -11.57
C ILE A 91 -0.94 2.74 -10.71
N GLN A 92 -0.57 2.42 -9.47
CA GLN A 92 0.03 3.45 -8.59
C GLN A 92 0.65 2.75 -7.40
N PHE A 93 1.59 3.43 -6.77
CA PHE A 93 2.00 3.04 -5.41
C PHE A 93 1.88 4.27 -4.51
N HIS A 94 1.78 3.97 -3.21
CA HIS A 94 1.75 4.99 -2.16
C HIS A 94 2.22 4.30 -0.88
N PHE A 95 2.31 5.11 0.17
CA PHE A 95 2.72 4.65 1.51
C PHE A 95 1.69 5.10 2.53
N HIS A 96 1.78 4.47 3.69
CA HIS A 96 1.16 4.86 4.95
C HIS A 96 2.30 4.94 5.98
N TRP A 97 2.29 5.97 6.83
CA TRP A 97 3.39 6.12 7.79
C TRP A 97 2.91 6.83 9.03
N GLY A 98 3.80 6.81 10.02
CA GLY A 98 3.48 7.32 11.37
C GLY A 98 4.09 8.66 11.68
N SER A 99 3.70 9.19 12.83
CA SER A 99 4.35 10.37 13.43
C SER A 99 5.68 10.02 14.12
N LEU A 100 5.87 8.76 14.47
CA LEU A 100 7.16 8.27 15.02
CA LEU A 100 7.01 8.18 15.23
C LEU A 100 7.35 6.85 14.53
N ASP A 101 8.54 6.33 14.72
CA ASP A 101 8.95 5.10 14.01
C ASP A 101 8.18 3.88 14.54
N GLY A 102 7.59 3.95 15.75
CA GLY A 102 6.86 2.83 16.35
C GLY A 102 5.46 2.61 15.83
N GLN A 103 5.03 3.36 14.83
CA GLN A 103 3.71 3.13 14.22
C GLN A 103 3.78 3.66 12.81
N GLY A 104 2.79 3.24 12.03
CA GLY A 104 2.66 3.72 10.65
C GLY A 104 2.18 2.63 9.71
N SER A 105 2.55 1.36 9.93
CA SER A 105 2.07 0.31 9.03
C SER A 105 0.60 0.08 9.30
N GLU A 106 -0.05 -0.46 8.30
CA GLU A 106 -1.48 -0.86 8.35
C GLU A 106 -1.59 -2.31 8.79
N HIS A 107 -1.01 -3.23 8.02
CA HIS A 107 -0.83 -4.59 8.53
C HIS A 107 0.14 -4.57 9.72
N THR A 108 -0.04 -5.54 10.58
CA THR A 108 0.85 -5.79 11.71
C THR A 108 1.25 -7.25 11.65
N VAL A 109 2.36 -7.57 12.29
CA VAL A 109 2.87 -8.97 12.29
C VAL A 109 3.02 -9.36 13.75
N ASP A 110 2.17 -10.26 14.21
CA ASP A 110 2.16 -10.61 15.67
C ASP A 110 2.08 -9.32 16.50
N LYS A 111 1.24 -8.40 16.05
CA LYS A 111 0.94 -7.08 16.68
C LYS A 111 2.10 -6.10 16.54
N LYS A 112 3.20 -6.47 15.91
CA LYS A 112 4.29 -5.50 15.61
C LYS A 112 3.81 -4.51 14.53
N LYS A 113 3.99 -3.26 14.83
CA LYS A 113 3.79 -2.16 13.89
C LYS A 113 5.13 -1.70 13.32
N TYR A 114 5.21 -1.63 12.00
CA TYR A 114 6.36 -1.04 11.31
C TYR A 114 6.19 0.47 11.17
N ALA A 115 7.29 1.13 10.80
CA ALA A 115 7.33 2.59 10.65
C ALA A 115 6.45 3.04 9.46
N ALA A 116 6.31 2.22 8.47
CA ALA A 116 5.54 2.59 7.28
C ALA A 116 5.20 1.32 6.54
N GLU A 117 4.34 1.47 5.53
CA GLU A 117 3.95 0.36 4.63
C GLU A 117 3.73 0.90 3.23
N LEU A 118 4.39 0.28 2.27
CA LEU A 118 4.27 0.60 0.82
C LEU A 118 3.21 -0.32 0.24
N HIS A 119 2.31 0.28 -0.55
CA HIS A 119 1.26 -0.44 -1.30
C HIS A 119 1.45 -0.21 -2.79
N LEU A 120 1.77 -1.28 -3.52
CA LEU A 120 1.82 -1.26 -4.99
C LEU A 120 0.48 -1.85 -5.47
N VAL A 121 -0.33 -1.00 -6.09
CA VAL A 121 -1.73 -1.31 -6.42
C VAL A 121 -1.86 -1.77 -7.88
N HIS A 122 -2.46 -2.92 -8.06
CA HIS A 122 -2.61 -3.50 -9.41
C HIS A 122 -4.06 -3.89 -9.66
N TRP A 123 -4.52 -3.80 -10.92
CA TRP A 123 -5.90 -4.22 -11.24
C TRP A 123 -5.90 -5.33 -12.28
N ASN A 124 -6.91 -6.19 -12.17
CA ASN A 124 -7.04 -7.39 -12.99
C ASN A 124 -7.44 -6.96 -14.40
N THR A 125 -6.61 -7.34 -15.38
CA THR A 125 -6.88 -6.90 -16.76
C THR A 125 -8.18 -7.48 -17.33
N LYS A 126 -8.71 -8.54 -16.73
CA LYS A 126 -9.96 -9.14 -17.27
C LYS A 126 -11.12 -8.16 -17.09
N TYR A 127 -11.00 -7.12 -16.26
CA TYR A 127 -12.09 -6.15 -16.06
C TYR A 127 -11.84 -4.84 -16.80
N GLY A 128 -10.76 -4.74 -17.55
CA GLY A 128 -10.54 -3.67 -18.54
C GLY A 128 -10.13 -2.31 -18.00
N ASP A 129 -10.67 -1.85 -16.85
N ASP A 129 -10.50 -1.95 -16.78
CA ASP A 129 -10.25 -0.57 -16.21
CA ASP A 129 -9.87 -0.76 -16.17
C ASP A 129 -10.38 -0.65 -14.67
C ASP A 129 -10.11 -0.83 -14.67
N PHE A 130 -9.58 0.17 -13.98
CA PHE A 130 -9.54 0.17 -12.51
C PHE A 130 -10.92 0.33 -11.91
N GLY A 131 -11.74 1.24 -12.46
CA GLY A 131 -13.07 1.52 -11.89
C GLY A 131 -13.99 0.32 -11.97
N LYS A 132 -13.86 -0.49 -13.00
CA LYS A 132 -14.64 -1.74 -13.10
C LYS A 132 -14.03 -2.80 -12.17
N ALA A 133 -12.69 -2.86 -12.09
CA ALA A 133 -12.04 -3.88 -11.25
C ALA A 133 -12.42 -3.71 -9.76
N VAL A 134 -12.56 -2.47 -9.25
CA VAL A 134 -12.85 -2.31 -7.80
C VAL A 134 -14.25 -2.83 -7.45
N GLN A 135 -15.08 -3.13 -8.44
CA GLN A 135 -16.43 -3.68 -8.19
C GLN A 135 -16.44 -5.21 -8.14
N GLN A 136 -15.27 -5.85 -8.19
CA GLN A 136 -15.18 -7.32 -8.30
C GLN A 136 -14.35 -7.86 -7.15
N PRO A 137 -14.70 -9.06 -6.66
CA PRO A 137 -13.97 -9.60 -5.52
C PRO A 137 -12.50 -9.96 -5.79
N ASP A 138 -12.18 -10.17 -7.06
CA ASP A 138 -10.80 -10.48 -7.51
C ASP A 138 -10.32 -9.33 -8.42
N GLY A 139 -10.74 -8.10 -8.16
CA GLY A 139 -10.42 -6.99 -9.06
C GLY A 139 -9.02 -6.48 -8.88
N LEU A 140 -8.52 -6.43 -7.63
CA LEU A 140 -7.21 -5.78 -7.33
C LEU A 140 -6.28 -6.76 -6.64
N ALA A 141 -4.98 -6.54 -6.87
CA ALA A 141 -3.94 -7.19 -6.08
C ALA A 141 -3.05 -6.09 -5.54
N VAL A 142 -2.94 -5.99 -4.21
CA VAL A 142 -2.07 -4.99 -3.60
C VAL A 142 -0.90 -5.71 -2.95
N LEU A 143 0.29 -5.31 -3.38
CA LEU A 143 1.55 -5.84 -2.85
C LEU A 143 1.97 -4.90 -1.73
N GLY A 144 1.99 -5.41 -0.50
CA GLY A 144 2.32 -4.61 0.68
C GLY A 144 3.74 -4.95 1.14
N ILE A 145 4.49 -3.89 1.45
CA ILE A 145 5.89 -4.03 1.87
C ILE A 145 6.06 -3.16 3.10
N PHE A 146 6.61 -3.75 4.15
CA PHE A 146 6.88 -3.00 5.39
C PHE A 146 8.18 -2.23 5.26
N LEU A 147 8.20 -1.07 5.94
CA LEU A 147 9.39 -0.25 6.08
C LEU A 147 9.80 -0.20 7.53
N LYS A 148 11.07 -0.50 7.80
CA LYS A 148 11.70 -0.23 9.10
C LYS A 148 12.79 0.82 8.93
N VAL A 149 13.10 1.50 10.02
CA VAL A 149 14.09 2.60 9.99
C VAL A 149 15.46 2.03 10.35
N GLY A 150 16.40 2.25 9.47
CA GLY A 150 17.79 1.84 9.69
C GLY A 150 18.62 2.46 8.60
N SER A 151 19.19 1.61 7.74
N SER A 151 19.18 1.62 7.73
CA SER A 151 19.93 2.05 6.55
CA SER A 151 19.99 2.07 6.57
C SER A 151 18.98 2.72 5.55
C SER A 151 19.08 2.60 5.46
N ALA A 152 19.51 3.67 4.78
CA ALA A 152 18.78 4.30 3.68
C ALA A 152 18.45 3.27 2.59
N LYS A 153 17.32 3.50 1.92
CA LYS A 153 16.95 2.75 0.70
C LYS A 153 17.29 3.60 -0.51
N PRO A 154 18.37 3.28 -1.24
CA PRO A 154 18.80 4.18 -2.33
C PRO A 154 17.69 4.42 -3.36
N GLY A 155 16.91 3.40 -3.63
CA GLY A 155 15.86 3.42 -4.67
C GLY A 155 14.67 4.26 -4.27
N LEU A 156 14.57 4.64 -3.01
CA LEU A 156 13.52 5.55 -2.52
C LEU A 156 13.93 7.02 -2.65
N GLN A 157 15.21 7.32 -2.76
CA GLN A 157 15.62 8.74 -2.63
C GLN A 157 15.00 9.63 -3.71
N LYS A 158 14.81 9.17 -4.95
CA LYS A 158 14.19 10.02 -5.98
C LYS A 158 12.78 10.47 -5.54
N VAL A 159 12.09 9.58 -4.85
CA VAL A 159 10.74 9.89 -4.32
C VAL A 159 10.89 10.97 -3.23
N VAL A 160 11.76 10.74 -2.25
CA VAL A 160 11.98 11.67 -1.12
C VAL A 160 12.28 13.07 -1.67
N ASP A 161 13.13 13.16 -2.68
CA ASP A 161 13.65 14.47 -3.12
C ASP A 161 12.59 15.29 -3.88
N VAL A 162 11.50 14.67 -4.37
CA VAL A 162 10.43 15.43 -5.07
C VAL A 162 9.35 15.89 -4.09
N LEU A 163 9.35 15.42 -2.85
CA LEU A 163 8.21 15.70 -1.94
C LEU A 163 8.09 17.21 -1.64
N ASP A 164 9.19 17.95 -1.61
CA ASP A 164 9.15 19.43 -1.39
C ASP A 164 8.28 20.11 -2.44
N SER A 165 8.13 19.51 -3.62
CA SER A 165 7.40 20.11 -4.77
C SER A 165 5.93 19.72 -4.72
N ILE A 166 5.50 18.79 -3.84
CA ILE A 166 4.07 18.42 -3.70
C ILE A 166 3.64 18.48 -2.24
N LYS A 167 4.05 19.53 -1.54
CA LYS A 167 3.86 19.59 -0.08
C LYS A 167 2.39 19.50 0.30
N THR A 168 1.51 20.13 -0.47
CA THR A 168 0.12 20.30 -0.11
C THR A 168 -0.85 19.61 -1.09
N LYS A 169 -2.01 19.35 -0.55
CA LYS A 169 -3.11 18.59 -1.19
C LYS A 169 -3.41 19.18 -2.56
N GLY A 170 -3.39 18.34 -3.59
CA GLY A 170 -3.72 18.78 -4.96
C GLY A 170 -2.51 19.14 -5.83
N LYS A 171 -1.32 19.22 -5.26
CA LYS A 171 -0.08 19.42 -6.01
C LYS A 171 0.43 18.12 -6.62
N SER A 172 0.86 18.22 -7.86
CA SER A 172 1.49 17.10 -8.59
C SER A 172 2.78 17.57 -9.27
N ALA A 173 3.61 16.60 -9.62
CA ALA A 173 4.88 16.86 -10.31
C ALA A 173 5.14 15.72 -11.32
N ASP A 174 5.78 16.07 -12.42
CA ASP A 174 6.26 15.08 -13.41
C ASP A 174 7.12 14.10 -12.60
N PHE A 175 6.94 12.80 -12.84
CA PHE A 175 7.75 11.80 -12.14
C PHE A 175 7.99 10.63 -13.07
N THR A 176 8.70 10.92 -14.14
CA THR A 176 9.01 9.90 -15.16
C THR A 176 10.25 9.12 -14.80
N ASN A 177 10.36 7.94 -15.38
CA ASN A 177 11.58 7.11 -15.37
C ASN A 177 11.93 6.67 -13.93
N PHE A 178 10.94 6.52 -13.07
CA PHE A 178 11.16 5.93 -11.75
C PHE A 178 10.97 4.42 -11.83
N ASP A 179 11.93 3.67 -11.32
CA ASP A 179 11.94 2.20 -11.37
C ASP A 179 11.47 1.66 -10.03
N PRO A 180 10.23 1.12 -9.93
CA PRO A 180 9.77 0.60 -8.64
C PRO A 180 10.46 -0.67 -8.17
N ARG A 181 11.28 -1.31 -9.02
CA ARG A 181 12.09 -2.46 -8.56
C ARG A 181 13.00 -2.04 -7.42
N GLY A 182 13.39 -0.77 -7.36
CA GLY A 182 14.27 -0.27 -6.30
C GLY A 182 13.61 -0.21 -4.94
N LEU A 183 12.32 -0.53 -4.83
CA LEU A 183 11.60 -0.47 -3.54
C LEU A 183 11.38 -1.89 -2.98
N LEU A 184 11.80 -2.94 -3.68
CA LEU A 184 11.51 -4.34 -3.27
C LEU A 184 12.63 -4.83 -2.35
N PRO A 185 12.27 -5.72 -1.40
CA PRO A 185 13.26 -6.44 -0.63
C PRO A 185 13.86 -7.56 -1.46
N GLU A 186 14.82 -8.28 -0.88
CA GLU A 186 15.49 -9.38 -1.61
CA GLU A 186 15.49 -9.43 -1.57
C GLU A 186 14.51 -10.56 -1.81
N SER A 187 13.78 -10.93 -0.77
CA SER A 187 12.89 -12.11 -0.79
C SER A 187 11.49 -11.68 -1.23
N LEU A 188 10.84 -12.53 -2.00
CA LEU A 188 9.40 -12.37 -2.34
C LEU A 188 8.53 -13.35 -1.56
N ASP A 189 9.02 -13.88 -0.44
CA ASP A 189 8.17 -14.69 0.47
C ASP A 189 7.02 -13.79 0.98
N TYR A 190 5.80 -14.32 1.03
CA TYR A 190 4.62 -13.48 1.33
C TYR A 190 3.56 -14.25 2.11
N TRP A 191 2.70 -13.45 2.73
CA TRP A 191 1.38 -13.88 3.22
C TRP A 191 0.31 -13.39 2.26
N THR A 192 -0.83 -14.09 2.21
CA THR A 192 -1.93 -13.63 1.35
C THR A 192 -3.28 -13.89 2.02
N TYR A 193 -4.21 -12.98 1.78
CA TYR A 193 -5.59 -13.15 2.28
C TYR A 193 -6.48 -12.25 1.46
N PRO A 194 -7.79 -12.55 1.45
CA PRO A 194 -8.74 -11.70 0.74
C PRO A 194 -9.18 -10.53 1.63
N GLY A 195 -9.14 -9.31 1.12
CA GLY A 195 -9.51 -8.14 1.89
C GLY A 195 -10.02 -7.01 1.08
N SER A 196 -9.72 -5.82 1.49
CA SER A 196 -10.34 -4.57 1.04
C SER A 196 -9.35 -3.44 0.75
N LEU A 197 -9.81 -2.38 0.12
CA LEU A 197 -9.13 -1.09 0.17
C LEU A 197 -9.06 -0.67 1.64
N THR A 198 -7.96 -0.04 2.03
CA THR A 198 -7.81 0.41 3.45
C THR A 198 -8.22 1.87 3.62
N THR A 199 -8.67 2.56 2.55
CA THR A 199 -9.27 3.90 2.64
C THR A 199 -10.64 3.82 1.99
N PRO A 200 -11.55 4.75 2.35
CA PRO A 200 -12.79 4.85 1.62
C PRO A 200 -12.52 4.88 0.12
N PRO A 201 -13.30 4.16 -0.70
CA PRO A 201 -14.56 3.51 -0.33
C PRO A 201 -14.52 2.13 0.33
N LEU A 202 -13.34 1.64 0.71
CA LEU A 202 -13.23 0.40 1.53
C LEU A 202 -13.81 -0.83 0.83
N LEU A 203 -13.77 -0.82 -0.50
CA LEU A 203 -14.37 -1.89 -1.32
C LEU A 203 -13.63 -3.21 -1.12
N GLU A 204 -14.39 -4.28 -1.06
CA GLU A 204 -13.87 -5.63 -0.76
C GLU A 204 -13.47 -6.32 -2.07
N CYS A 205 -12.41 -5.81 -2.65
CA CYS A 205 -12.00 -6.19 -4.04
C CYS A 205 -10.52 -6.55 -4.11
N VAL A 206 -9.86 -6.76 -2.97
CA VAL A 206 -8.39 -6.92 -2.96
C VAL A 206 -7.96 -8.32 -2.58
N THR A 207 -7.05 -8.88 -3.38
CA THR A 207 -6.17 -9.97 -2.94
C THR A 207 -4.90 -9.34 -2.37
N TRP A 208 -4.75 -9.42 -1.06
CA TRP A 208 -3.55 -8.85 -0.41
C TRP A 208 -2.39 -9.84 -0.50
N ILE A 209 -1.24 -9.30 -0.81
CA ILE A 209 0.02 -10.05 -0.86
C ILE A 209 1.00 -9.20 -0.05
N VAL A 210 1.35 -9.66 1.15
CA VAL A 210 2.18 -8.87 2.09
C VAL A 210 3.52 -9.58 2.22
N LEU A 211 4.58 -8.90 1.82
CA LEU A 211 5.90 -9.52 1.86
C LEU A 211 6.39 -9.66 3.31
N LYS A 212 7.01 -10.79 3.59
CA LYS A 212 7.59 -11.02 4.93
C LYS A 212 8.77 -10.13 5.24
N GLU A 213 9.62 -9.88 4.26
N GLU A 213 9.60 -9.81 4.26
CA GLU A 213 10.91 -9.16 4.46
CA GLU A 213 10.87 -9.11 4.51
C GLU A 213 10.63 -7.67 4.34
C GLU A 213 10.67 -7.61 4.35
N PRO A 214 10.91 -6.86 5.38
N PRO A 214 10.80 -6.85 5.45
CA PRO A 214 10.74 -5.42 5.24
CA PRO A 214 10.76 -5.39 5.36
C PRO A 214 11.91 -4.86 4.43
C PRO A 214 11.94 -4.79 4.59
N ILE A 215 11.74 -3.63 3.98
CA ILE A 215 12.85 -2.82 3.45
C ILE A 215 13.25 -1.88 4.56
N SER A 216 14.50 -1.45 4.51
N SER A 216 14.51 -1.47 4.53
CA SER A 216 15.05 -0.46 5.45
CA SER A 216 15.10 -0.49 5.48
C SER A 216 15.09 0.87 4.74
C SER A 216 15.20 0.87 4.79
N VAL A 217 14.65 1.90 5.43
CA VAL A 217 14.77 3.30 5.00
C VAL A 217 15.47 4.06 6.12
N SER A 218 16.06 5.19 5.78
CA SER A 218 16.74 5.96 6.84
C SER A 218 15.77 6.87 7.59
N SER A 219 16.18 7.26 8.79
CA SER A 219 15.39 8.23 9.56
C SER A 219 15.21 9.51 8.72
N GLU A 220 16.20 9.94 7.95
CA GLU A 220 16.05 11.19 7.17
C GLU A 220 14.99 10.96 6.08
N GLN A 221 14.95 9.79 5.47
CA GLN A 221 13.94 9.53 4.43
C GLN A 221 12.52 9.62 5.01
N VAL A 222 12.27 8.97 6.12
CA VAL A 222 10.91 8.96 6.71
C VAL A 222 10.59 10.36 7.24
N LEU A 223 11.58 11.09 7.77
CA LEU A 223 11.34 12.47 8.25
C LEU A 223 10.80 13.31 7.10
N LYS A 224 11.25 13.08 5.87
CA LYS A 224 10.76 13.88 4.73
C LYS A 224 9.31 13.50 4.44
N PHE A 225 8.93 12.26 4.57
CA PHE A 225 7.49 11.91 4.45
C PHE A 225 6.65 12.76 5.42
N ARG A 226 7.14 12.94 6.64
CA ARG A 226 6.39 13.58 7.73
C ARG A 226 6.33 15.10 7.56
N LYS A 227 7.01 15.69 6.57
CA LYS A 227 6.96 17.15 6.30
C LYS A 227 5.84 17.48 5.30
N LEU A 228 5.29 16.45 4.66
CA LEU A 228 4.12 16.66 3.78
C LEU A 228 2.95 17.17 4.62
N ASN A 229 1.97 17.73 3.93
CA ASN A 229 0.76 18.30 4.55
C ASN A 229 -0.48 17.60 4.01
N PHE A 230 -1.43 17.36 4.89
CA PHE A 230 -2.79 16.96 4.52
C PHE A 230 -3.55 18.12 3.87
N ASN A 231 -3.32 19.34 4.33
CA ASN A 231 -4.04 20.58 3.93
C ASN A 231 -3.62 21.02 2.52
N GLY A 232 -4.47 21.82 1.86
CA GLY A 232 -4.12 22.55 0.65
C GLY A 232 -3.24 23.76 0.92
N GLU A 233 -2.62 24.30 -0.12
CA GLU A 233 -1.81 25.56 -0.06
C GLU A 233 -2.62 26.69 0.58
N GLY A 234 -1.94 27.53 1.36
CA GLY A 234 -2.54 28.71 2.04
C GLY A 234 -3.58 28.31 3.06
N GLU A 235 -3.56 27.05 3.50
CA GLU A 235 -4.41 26.63 4.64
C GLU A 235 -3.51 26.36 5.83
N PRO A 236 -4.11 26.25 7.05
CA PRO A 236 -3.39 25.98 8.28
C PRO A 236 -2.68 24.65 8.14
N GLU A 237 -1.41 24.62 8.52
CA GLU A 237 -0.55 23.45 8.31
C GLU A 237 -1.03 22.29 9.20
N GLU A 238 -1.31 21.15 8.60
CA GLU A 238 -1.58 19.86 9.27
C GLU A 238 -0.62 18.82 8.70
N LEU A 239 0.37 18.39 9.48
CA LEU A 239 1.39 17.48 8.96
C LEU A 239 0.70 16.17 8.54
N MET A 240 1.13 15.66 7.41
CA MET A 240 0.67 14.34 6.91
C MET A 240 1.45 13.25 7.64
N VAL A 241 0.87 12.80 8.75
CA VAL A 241 1.41 11.72 9.59
C VAL A 241 0.24 10.88 10.09
N ASP A 242 0.52 9.64 10.41
CA ASP A 242 -0.48 8.70 10.97
C ASP A 242 -1.66 8.55 9.99
N ASN A 243 -1.34 8.36 8.72
CA ASN A 243 -2.32 8.14 7.65
C ASN A 243 -2.49 6.63 7.44
N TRP A 244 -2.67 5.88 8.52
CA TRP A 244 -2.86 4.40 8.52
C TRP A 244 -4.18 4.05 9.19
N ARG A 245 -4.84 3.03 8.69
CA ARG A 245 -6.02 2.42 9.31
C ARG A 245 -5.52 1.31 10.21
N PRO A 246 -6.04 1.18 11.44
CA PRO A 246 -5.67 0.05 12.29
C PRO A 246 -6.18 -1.31 11.78
N ALA A 247 -5.66 -2.38 12.35
CA ALA A 247 -6.08 -3.74 12.05
C ALA A 247 -7.57 -3.89 12.35
N GLN A 248 -8.22 -4.55 11.40
CA GLN A 248 -9.66 -4.90 11.43
C GLN A 248 -9.87 -6.37 11.75
N PRO A 249 -11.08 -6.75 12.17
CA PRO A 249 -11.36 -8.13 12.50
C PRO A 249 -11.12 -9.09 11.33
N LEU A 250 -10.46 -10.20 11.60
CA LEU A 250 -10.16 -11.19 10.55
C LEU A 250 -11.44 -11.92 10.11
N LYS A 251 -12.38 -12.10 11.03
CA LYS A 251 -13.65 -12.79 10.70
C LYS A 251 -13.38 -14.19 10.11
N ASN A 252 -14.06 -14.56 9.05
CA ASN A 252 -14.01 -15.94 8.53
C ASN A 252 -12.96 -15.94 7.44
N ARG A 253 -11.69 -15.53 7.76
CA ARG A 253 -10.61 -15.58 6.76
C ARG A 253 -9.41 -16.35 7.25
N GLN A 254 -8.71 -16.91 6.28
CA GLN A 254 -7.46 -17.65 6.48
C GLN A 254 -6.34 -16.85 5.83
N ILE A 255 -5.28 -16.59 6.56
CA ILE A 255 -4.04 -16.04 5.98
C ILE A 255 -3.13 -17.21 5.62
N LYS A 256 -2.66 -17.22 4.39
CA LYS A 256 -1.80 -18.30 3.89
C LYS A 256 -0.39 -17.75 3.74
N ALA A 257 0.59 -18.60 3.98
CA ALA A 257 2.01 -18.29 3.81
C ALA A 257 2.56 -19.02 2.59
N SER A 258 3.43 -18.33 1.84
CA SER A 258 4.07 -18.92 0.66
C SER A 258 5.30 -19.74 1.09
N PHE A 259 5.69 -19.66 2.36
CA PHE A 259 6.99 -20.12 2.89
C PHE A 259 6.77 -20.91 4.18
N LYS A 260 7.71 -21.82 4.44
CA LYS A 260 7.76 -22.69 5.63
C LYS A 260 8.50 -21.91 6.71
C 65T B 1 -12.58 4.12 -6.31
O 65T B 1 -13.71 3.64 -6.33
CA 65T B 1 -11.52 3.43 -5.59
N3 65T B 1 -10.44 4.05 -5.34
O4 65T B 1 -9.56 3.26 -4.55
C11 65T B 1 -8.21 3.76 -4.54
C01 65T B 1 -7.40 2.98 -3.52
C02 65T B 1 -7.68 3.03 -2.16
C03 65T B 1 -6.94 2.31 -1.24
C04 65T B 1 -5.88 1.51 -1.66
S07 65T B 1 -4.94 0.58 -0.48
NP0 65T B 1 -4.51 1.57 0.70
O09 65T B 1 -3.77 0.11 -1.20
O08 65T B 1 -5.83 -0.42 0.04
C05 65T B 1 -5.60 1.44 -3.02
C06 65T B 1 -6.36 2.16 -3.93
N SER B 2 -12.23 5.25 -6.95
CA SER B 2 -13.04 5.90 -7.98
C SER B 2 -13.35 4.87 -9.06
N LEU B 3 -12.31 4.51 -9.82
O4 65T C 1 -16.48 15.98 10.16
C11 65T C 1 -17.56 15.57 9.31
C01 65T C 1 -17.31 14.21 8.73
C02 65T C 1 -16.61 13.25 9.45
C03 65T C 1 -16.40 11.98 8.95
C04 65T C 1 -16.89 11.68 7.69
S07 65T C 1 -16.59 10.06 7.09
NP0 65T C 1 -17.84 9.13 7.61
O09 65T C 1 -15.38 9.68 7.79
O08 65T C 1 -16.64 10.07 5.65
C05 65T C 1 -17.58 12.61 6.93
C06 65T C 1 -17.78 13.87 7.47
ZN ZN D . -2.57 1.87 0.93
#